data_3A1Y
#
_entry.id   3A1Y
#
_cell.length_a   54.880
_cell.length_b   104.429
_cell.length_c   136.223
_cell.angle_alpha   90.00
_cell.angle_beta   90.00
_cell.angle_gamma   90.00
#
_symmetry.space_group_name_H-M   'P 21 21 21'
#
loop_
_entity.id
_entity.type
_entity.pdbx_description
1 polymer '50S ribosomal protein P1 (L12P)'
2 polymer 'Acidic ribosomal protein P0'
3 water water
#
loop_
_entity_poly.entity_id
_entity_poly.type
_entity_poly.pdbx_seq_one_letter_code
_entity_poly.pdbx_strand_id
1 'polypeptide(L)' MEYVYAALLLHSVGKEINEENLKAVLQAAGVEPEEARIKALVAALEGVNIDEVIEKAA A,B,C,D,E,F
2 'polypeptide(L)'
;MAHVAEWKKKEVEELAKLIKSYPVIALVDVSSMPAYPLSQMRRLIRENGGLLRVSRNTLIELAIKKAAKELGKPELEKLV
EYIDRGAGILVTNMNPFKLYKFLQQNRQPAPAKPGAVVPKDVVVPAGPTPLAPGPIVGQMQALGIPARIEKGKVTIQKDT
TVLKAGEVITPELANILNALGIQPLEVGLDVLAVYEDGIVYTPDVLAIDEQEYIDMLQKAYMHAFNLAVNIAYPTPETIE
AIIQKAFLNAKTVAIEAGYITKETIQDIIGRAFRAMLLLAQQLP
;
G
#
# COMPACT_ATOMS: atom_id res chain seq x y z
N MET A 1 15.48 1.42 42.65
CA MET A 1 14.24 1.79 41.88
C MET A 1 13.08 0.93 42.32
N GLU A 2 13.38 0.02 43.25
CA GLU A 2 12.39 -0.91 43.79
C GLU A 2 11.23 -0.19 44.48
N TYR A 3 11.48 0.96 45.09
CA TYR A 3 10.43 1.71 45.75
C TYR A 3 9.40 2.18 44.74
N VAL A 4 9.90 2.68 43.60
CA VAL A 4 9.08 3.16 42.49
C VAL A 4 8.36 2.01 41.78
N TYR A 5 9.07 0.92 41.50
CA TYR A 5 8.39 -0.29 41.01
C TYR A 5 7.30 -0.77 41.98
N ALA A 6 7.57 -0.71 43.29
CA ALA A 6 6.54 -1.10 44.27
C ALA A 6 5.28 -0.22 44.15
N ALA A 7 5.47 1.11 44.14
CA ALA A 7 4.39 2.07 43.84
C ALA A 7 3.61 1.70 42.58
N LEU A 8 4.33 1.31 41.52
CA LEU A 8 3.73 0.99 40.22
C LEU A 8 2.91 -0.29 40.28
N LEU A 9 3.43 -1.31 40.96
CA LEU A 9 2.71 -2.58 41.19
C LEU A 9 1.38 -2.36 41.93
N LEU A 10 1.46 -1.66 43.07
CA LEU A 10 0.27 -1.30 43.85
C LEU A 10 -0.76 -0.58 42.97
N HIS A 11 -0.32 0.46 42.26
CA HIS A 11 -1.19 1.19 41.33
C HIS A 11 -1.84 0.28 40.28
N SER A 12 -1.04 -0.61 39.67
CA SER A 12 -1.54 -1.45 38.57
C SER A 12 -2.71 -2.34 39.01
N VAL A 13 -2.85 -2.48 40.31
CA VAL A 13 -3.83 -3.40 40.84
C VAL A 13 -4.77 -2.67 41.82
N GLY A 14 -4.84 -1.35 41.66
CA GLY A 14 -5.76 -0.49 42.42
C GLY A 14 -5.55 -0.35 43.92
N LYS A 15 -4.40 -0.76 44.43
CA LYS A 15 -4.10 -0.66 45.86
C LYS A 15 -3.54 0.74 46.15
N GLU A 16 -3.85 1.29 47.33
CA GLU A 16 -3.35 2.61 47.74
C GLU A 16 -1.84 2.61 47.99
N ILE A 17 -1.17 3.70 47.59
CA ILE A 17 0.27 3.82 47.82
C ILE A 17 0.47 4.46 49.18
N ASN A 18 0.44 3.61 50.20
CA ASN A 18 0.64 4.04 51.57
C ASN A 18 1.80 3.29 52.18
N GLU A 19 2.11 3.57 53.44
CA GLU A 19 3.29 3.02 54.07
C GLU A 19 3.22 1.51 54.23
N GLU A 20 2.08 1.01 54.69
CA GLU A 20 1.88 -0.42 54.96
C GLU A 20 2.02 -1.27 53.71
N ASN A 21 1.37 -0.85 52.63
CA ASN A 21 1.38 -1.63 51.39
C ASN A 21 2.72 -1.62 50.68
N LEU A 22 3.39 -0.46 50.66
CA LEU A 22 4.77 -0.40 50.17
C LEU A 22 5.72 -1.35 50.94
N LYS A 23 5.66 -1.32 52.26
CA LYS A 23 6.55 -2.15 53.08
C LYS A 23 6.30 -3.64 52.87
N ALA A 24 5.05 -4.04 52.74
CA ALA A 24 4.69 -5.43 52.48
C ALA A 24 5.26 -5.98 51.16
N VAL A 25 5.10 -5.24 50.05
CA VAL A 25 5.71 -5.67 48.80
C VAL A 25 7.25 -5.62 48.81
N LEU A 26 7.82 -4.55 49.39
CA LEU A 26 9.28 -4.49 49.50
C LEU A 26 9.79 -5.67 50.31
N GLN A 27 9.19 -5.92 51.48
CA GLN A 27 9.53 -7.07 52.33
C GLN A 27 9.47 -8.40 51.58
N ALA A 28 8.48 -8.56 50.71
CA ALA A 28 8.35 -9.80 49.92
C ALA A 28 9.48 -9.95 48.88
N ALA A 29 10.06 -8.84 48.47
CA ALA A 29 11.22 -8.82 47.56
C ALA A 29 12.56 -8.87 48.33
N GLY A 30 12.50 -9.21 49.61
CA GLY A 30 13.69 -9.28 50.47
C GLY A 30 14.31 -7.94 50.85
N VAL A 31 13.60 -6.85 50.57
CA VAL A 31 14.08 -5.51 50.92
C VAL A 31 13.63 -5.10 52.33
N GLU A 32 14.58 -4.62 53.14
CA GLU A 32 14.24 -3.99 54.41
C GLU A 32 13.97 -2.50 54.12
N PRO A 33 12.71 -2.08 54.26
CA PRO A 33 12.34 -0.72 53.89
C PRO A 33 13.02 0.32 54.79
N GLU A 34 13.41 1.43 54.18
CA GLU A 34 13.89 2.58 54.91
C GLU A 34 12.72 3.55 55.08
N GLU A 35 12.31 3.75 56.33
CA GLU A 35 11.14 4.57 56.64
C GLU A 35 11.21 5.94 55.95
N ALA A 36 12.36 6.59 56.04
CA ALA A 36 12.60 7.87 55.38
C ALA A 36 12.31 7.81 53.89
N ARG A 37 12.73 6.74 53.22
CA ARG A 37 12.46 6.58 51.77
C ARG A 37 10.98 6.30 51.49
N ILE A 38 10.36 5.47 52.33
CA ILE A 38 8.93 5.18 52.26
C ILE A 38 8.12 6.47 52.37
N LYS A 39 8.43 7.27 53.39
CA LYS A 39 7.79 8.57 53.59
C LYS A 39 7.96 9.49 52.38
N ALA A 40 9.21 9.75 51.98
CA ALA A 40 9.51 10.60 50.83
C ALA A 40 8.69 10.21 49.59
N LEU A 41 8.66 8.92 49.28
CA LEU A 41 7.88 8.40 48.15
C LEU A 41 6.36 8.67 48.21
N VAL A 42 5.69 8.24 49.28
CA VAL A 42 4.24 8.48 49.35
C VAL A 42 3.91 9.97 49.35
N ALA A 43 4.75 10.77 50.01
CA ALA A 43 4.59 12.24 50.00
C ALA A 43 4.77 12.80 48.60
N ALA A 44 5.82 12.35 47.91
CA ALA A 44 6.08 12.79 46.53
C ALA A 44 4.93 12.44 45.57
N LEU A 45 4.25 11.32 45.82
CA LEU A 45 3.23 10.80 44.91
C LEU A 45 1.82 11.29 45.24
N GLU A 46 1.67 11.98 46.37
CA GLU A 46 0.42 12.64 46.72
C GLU A 46 0.09 13.67 45.64
N GLY A 47 -1.09 13.51 45.03
CA GLY A 47 -1.56 14.43 44.01
C GLY A 47 -1.26 13.98 42.59
N VAL A 48 -0.04 13.48 42.34
CA VAL A 48 0.38 13.14 40.98
C VAL A 48 -0.48 12.02 40.43
N ASN A 49 -0.85 12.08 39.15
CA ASN A 49 -1.61 10.96 38.65
C ASN A 49 -0.80 9.99 37.83
N ILE A 50 -0.74 8.77 38.33
CA ILE A 50 0.10 7.72 37.77
C ILE A 50 -0.40 7.31 36.39
N ASP A 51 -1.71 7.31 36.18
CA ASP A 51 -2.28 6.93 34.88
C ASP A 51 -1.61 7.69 33.75
N GLU A 52 -1.57 9.02 33.86
CA GLU A 52 -1.04 9.86 32.80
C GLU A 52 0.48 9.71 32.66
N VAL A 53 1.16 9.49 33.78
CA VAL A 53 2.59 9.18 33.73
C VAL A 53 2.84 7.90 32.92
N ILE A 54 2.12 6.83 33.25
CA ILE A 54 2.21 5.57 32.48
C ILE A 54 1.97 5.84 30.99
N GLU A 55 0.95 6.64 30.69
CA GLU A 55 0.57 6.94 29.30
C GLU A 55 1.65 7.71 28.55
N LYS A 56 2.25 8.68 29.23
CA LYS A 56 3.24 9.56 28.61
C LYS A 56 4.60 8.87 28.42
N ALA A 57 4.85 7.87 29.25
CA ALA A 57 6.12 7.16 29.22
C ALA A 57 6.14 6.11 28.10
N ALA A 58 4.95 5.64 27.70
CA ALA A 58 4.82 4.69 26.60
C ALA A 58 5.28 5.32 25.28
N MET B 1 1.05 -4.27 33.35
CA MET B 1 0.39 -4.93 34.49
C MET B 1 1.27 -5.47 35.63
N GLU B 2 0.58 -6.08 36.58
CA GLU B 2 1.12 -6.38 37.89
C GLU B 2 2.22 -7.43 37.84
N TYR B 3 2.10 -8.39 36.91
CA TYR B 3 3.10 -9.46 36.73
C TYR B 3 4.44 -8.89 36.22
N VAL B 4 4.36 -7.88 35.36
CA VAL B 4 5.55 -7.19 34.85
C VAL B 4 6.24 -6.34 35.93
N TYR B 5 5.48 -5.51 36.63
CA TYR B 5 6.06 -4.70 37.71
C TYR B 5 6.62 -5.57 38.82
N ALA B 6 5.97 -6.68 39.11
CA ALA B 6 6.49 -7.59 40.12
C ALA B 6 7.83 -8.14 39.64
N ALA B 7 7.88 -8.54 38.36
CA ALA B 7 9.11 -9.05 37.78
C ALA B 7 10.23 -8.00 37.83
N LEU B 8 9.91 -6.77 37.46
CA LEU B 8 10.90 -5.69 37.41
C LEU B 8 11.36 -5.25 38.78
N LEU B 9 10.47 -5.31 39.78
CA LEU B 9 10.87 -5.08 41.17
C LEU B 9 11.91 -6.10 41.61
N LEU B 10 11.66 -7.36 41.30
CA LEU B 10 12.63 -8.43 41.67
C LEU B 10 13.97 -8.23 40.96
N HIS B 11 13.93 -7.93 39.66
CA HIS B 11 15.15 -7.67 38.90
C HIS B 11 15.98 -6.52 39.51
N SER B 12 15.30 -5.43 39.88
CA SER B 12 15.96 -4.20 40.34
C SER B 12 16.74 -4.47 41.62
N VAL B 13 16.38 -5.57 42.27
CA VAL B 13 16.92 -5.92 43.57
C VAL B 13 17.90 -7.11 43.48
N GLY B 14 17.97 -7.77 42.33
CA GLY B 14 18.87 -8.91 42.18
C GLY B 14 18.21 -10.28 42.43
N LYS B 15 16.90 -10.29 42.70
CA LYS B 15 16.17 -11.55 42.96
C LYS B 15 15.84 -12.22 41.64
N GLU B 16 15.88 -13.56 41.62
CA GLU B 16 15.42 -14.29 40.43
C GLU B 16 13.95 -14.08 40.15
N ILE B 17 13.61 -13.95 38.87
CA ILE B 17 12.21 -13.96 38.46
C ILE B 17 11.82 -15.42 38.25
N ASN B 18 11.42 -16.06 39.36
CA ASN B 18 10.89 -17.42 39.37
C ASN B 18 9.48 -17.45 39.98
N GLU B 19 8.83 -18.62 39.92
CA GLU B 19 7.46 -18.75 40.41
C GLU B 19 7.29 -18.32 41.87
N GLU B 20 8.18 -18.76 42.75
CA GLU B 20 8.11 -18.42 44.18
C GLU B 20 8.22 -16.93 44.49
N ASN B 21 9.21 -16.26 43.92
CA ASN B 21 9.42 -14.82 44.16
C ASN B 21 8.25 -14.00 43.59
N LEU B 22 7.79 -14.37 42.39
CA LEU B 22 6.68 -13.70 41.73
C LEU B 22 5.41 -13.79 42.58
N LYS B 23 5.04 -15.01 42.95
CA LYS B 23 3.89 -15.24 43.79
C LYS B 23 3.97 -14.46 45.09
N ALA B 24 5.10 -14.56 45.77
CA ALA B 24 5.32 -13.85 47.03
C ALA B 24 5.11 -12.34 46.89
N VAL B 25 5.77 -11.72 45.91
CA VAL B 25 5.54 -10.29 45.65
C VAL B 25 4.07 -9.98 45.31
N LEU B 26 3.46 -10.79 44.43
CA LEU B 26 2.05 -10.62 44.04
C LEU B 26 1.10 -10.70 45.24
N GLN B 27 1.22 -11.78 46.02
CA GLN B 27 0.42 -11.96 47.25
C GLN B 27 0.58 -10.76 48.18
N ALA B 28 1.81 -10.29 48.35
CA ALA B 28 2.08 -9.15 49.22
C ALA B 28 1.41 -7.86 48.72
N ALA B 29 1.11 -7.80 47.43
CA ALA B 29 0.40 -6.67 46.83
C ALA B 29 -1.11 -6.92 46.82
N GLY B 30 -1.52 -7.97 47.54
CA GLY B 30 -2.94 -8.25 47.75
C GLY B 30 -3.62 -8.95 46.60
N VAL B 31 -2.86 -9.63 45.74
CA VAL B 31 -3.50 -10.38 44.64
C VAL B 31 -3.17 -11.87 44.63
N GLU B 32 -4.11 -12.67 44.13
CA GLU B 32 -3.93 -14.10 44.05
C GLU B 32 -3.32 -14.47 42.70
N PRO B 33 -2.05 -14.93 42.70
CA PRO B 33 -1.39 -15.30 41.45
C PRO B 33 -2.14 -16.45 40.77
N GLU B 34 -2.16 -16.43 39.45
CA GLU B 34 -2.74 -17.51 38.69
C GLU B 34 -1.60 -18.22 37.98
N GLU B 35 -1.46 -19.51 38.28
CA GLU B 35 -0.34 -20.34 37.82
C GLU B 35 0.00 -20.20 36.32
N ALA B 36 -1.02 -20.19 35.48
CA ALA B 36 -0.83 -20.14 34.04
C ALA B 36 -0.23 -18.80 33.64
N ARG B 37 -0.60 -17.75 34.38
CA ARG B 37 -0.12 -16.40 34.12
C ARG B 37 1.31 -16.25 34.61
N ILE B 38 1.60 -16.83 35.78
CA ILE B 38 2.97 -16.95 36.26
C ILE B 38 3.84 -17.67 35.23
N LYS B 39 3.37 -18.84 34.77
CA LYS B 39 4.13 -19.64 33.82
C LYS B 39 4.30 -18.96 32.47
N ALA B 40 3.30 -18.19 32.03
CA ALA B 40 3.41 -17.48 30.75
C ALA B 40 4.50 -16.42 30.80
N LEU B 41 4.60 -15.72 31.93
CA LEU B 41 5.64 -14.70 32.11
C LEU B 41 7.03 -15.32 32.16
N VAL B 42 7.20 -16.33 33.01
CA VAL B 42 8.47 -17.04 33.11
C VAL B 42 8.91 -17.56 31.73
N ALA B 43 8.00 -18.21 31.00
CA ALA B 43 8.32 -18.71 29.65
C ALA B 43 8.62 -17.60 28.62
N ALA B 44 7.87 -16.50 28.69
CA ALA B 44 8.14 -15.33 27.87
C ALA B 44 9.55 -14.75 28.12
N LEU B 45 10.04 -14.91 29.35
CA LEU B 45 11.33 -14.36 29.76
C LEU B 45 12.51 -15.31 29.52
N GLU B 46 12.22 -16.54 29.12
CA GLU B 46 13.28 -17.54 28.96
C GLU B 46 14.26 -17.05 27.90
N GLY B 47 15.54 -17.01 28.29
CA GLY B 47 16.61 -16.59 27.38
C GLY B 47 16.68 -15.08 27.15
N VAL B 48 15.90 -14.33 27.91
CA VAL B 48 15.85 -12.88 27.75
C VAL B 48 16.72 -12.24 28.83
N ASN B 49 17.71 -11.47 28.39
CA ASN B 49 18.52 -10.70 29.32
C ASN B 49 17.84 -9.34 29.55
N ILE B 50 17.24 -9.16 30.74
CA ILE B 50 16.47 -7.96 31.03
C ILE B 50 17.33 -6.66 31.06
N ASP B 51 18.55 -6.76 31.57
CA ASP B 51 19.50 -5.62 31.59
C ASP B 51 19.69 -5.11 30.14
N GLU B 52 19.89 -6.03 29.22
CA GLU B 52 20.11 -5.66 27.84
C GLU B 52 18.87 -5.06 27.21
N VAL B 53 17.71 -5.61 27.54
CA VAL B 53 16.46 -5.03 27.06
C VAL B 53 16.30 -3.58 27.56
N ILE B 54 16.48 -3.43 28.87
CA ILE B 54 16.25 -2.16 29.54
C ILE B 54 17.23 -1.10 29.07
N GLU B 55 18.48 -1.49 28.79
CA GLU B 55 19.50 -0.59 28.26
C GLU B 55 19.01 0.18 27.02
N LYS B 56 18.22 -0.47 26.19
CA LYS B 56 17.74 0.17 24.97
C LYS B 56 16.34 0.78 25.09
N ALA B 57 15.79 0.81 26.31
CA ALA B 57 14.36 1.19 26.48
C ALA B 57 14.08 2.64 26.90
N ALA B 58 15.07 3.35 27.43
CA ALA B 58 14.84 4.73 27.99
C ALA B 58 13.95 5.65 27.13
N MET C 1 0.32 -15.60 22.25
CA MET C 1 0.04 -15.00 20.88
C MET C 1 -1.05 -15.79 20.23
N GLU C 2 -1.05 -17.11 20.45
CA GLU C 2 -2.12 -17.97 19.99
C GLU C 2 -3.44 -17.42 20.50
N TYR C 3 -3.42 -16.92 21.74
CA TYR C 3 -4.58 -16.24 22.33
C TYR C 3 -4.93 -14.95 21.59
N VAL C 4 -3.92 -14.14 21.27
CA VAL C 4 -4.12 -12.90 20.52
C VAL C 4 -4.66 -13.12 19.10
N TYR C 5 -4.14 -14.13 18.40
CA TYR C 5 -4.63 -14.44 17.05
C TYR C 5 -6.09 -14.88 17.07
N ALA C 6 -6.43 -15.71 18.04
CA ALA C 6 -7.83 -16.08 18.30
C ALA C 6 -8.72 -14.85 18.48
N ALA C 7 -8.26 -13.88 19.28
CA ALA C 7 -8.99 -12.63 19.48
C ALA C 7 -9.20 -11.83 18.20
N LEU C 8 -8.13 -11.61 17.45
CA LEU C 8 -8.20 -10.80 16.24
C LEU C 8 -9.01 -11.47 15.15
N LEU C 9 -8.94 -12.80 15.10
CA LEU C 9 -9.83 -13.57 14.22
C LEU C 9 -11.29 -13.22 14.54
N LEU C 10 -11.66 -13.34 15.81
CA LEU C 10 -13.00 -12.97 16.28
C LEU C 10 -13.36 -11.54 15.87
N HIS C 11 -12.48 -10.61 16.17
CA HIS C 11 -12.69 -9.21 15.80
C HIS C 11 -12.86 -9.04 14.28
N SER C 12 -12.03 -9.73 13.50
CA SER C 12 -12.07 -9.56 12.05
C SER C 12 -13.39 -10.06 11.43
N VAL C 13 -14.04 -11.04 12.07
CA VAL C 13 -15.35 -11.50 11.60
C VAL C 13 -16.54 -10.92 12.39
N GLY C 14 -16.27 -9.91 13.21
CA GLY C 14 -17.32 -9.15 13.91
C GLY C 14 -17.90 -9.86 15.11
N LYS C 15 -17.15 -10.80 15.66
CA LYS C 15 -17.61 -11.58 16.80
C LYS C 15 -16.99 -11.06 18.09
N GLU C 16 -17.77 -11.09 19.15
CA GLU C 16 -17.38 -10.54 20.43
C GLU C 16 -16.22 -11.32 21.02
N ILE C 17 -15.18 -10.61 21.45
CA ILE C 17 -14.07 -11.25 22.13
C ILE C 17 -14.48 -11.47 23.58
N ASN C 18 -15.00 -12.65 23.86
CA ASN C 18 -15.29 -13.07 25.22
C ASN C 18 -14.69 -14.45 25.45
N GLU C 19 -14.83 -14.96 26.67
CA GLU C 19 -14.21 -16.22 27.08
C GLU C 19 -14.67 -17.42 26.24
N GLU C 20 -15.97 -17.50 25.97
CA GLU C 20 -16.58 -18.61 25.24
C GLU C 20 -16.13 -18.71 23.77
N ASN C 21 -16.14 -17.57 23.09
CA ASN C 21 -15.76 -17.51 21.68
C ASN C 21 -14.29 -17.86 21.52
N LEU C 22 -13.47 -17.26 22.38
CA LEU C 22 -12.01 -17.51 22.43
C LEU C 22 -11.73 -19.00 22.59
N LYS C 23 -12.34 -19.61 23.62
CA LYS C 23 -12.20 -21.04 23.90
C LYS C 23 -12.50 -21.96 22.70
N ALA C 24 -13.62 -21.70 22.02
CA ALA C 24 -14.06 -22.52 20.87
C ALA C 24 -13.06 -22.51 19.70
N VAL C 25 -12.64 -21.30 19.35
CA VAL C 25 -11.64 -21.07 18.30
C VAL C 25 -10.34 -21.81 18.62
N LEU C 26 -9.87 -21.69 19.87
CA LEU C 26 -8.62 -22.32 20.32
C LEU C 26 -8.72 -23.85 20.29
N GLN C 27 -9.84 -24.39 20.78
CA GLN C 27 -10.10 -25.83 20.74
C GLN C 27 -10.22 -26.38 19.29
N ALA C 28 -10.78 -25.58 18.40
CA ALA C 28 -10.81 -25.89 16.97
C ALA C 28 -9.40 -25.88 16.37
N ALA C 29 -8.53 -25.04 16.91
CA ALA C 29 -7.13 -25.06 16.51
C ALA C 29 -6.43 -26.29 17.06
N GLY C 30 -7.12 -27.04 17.91
CA GLY C 30 -6.60 -28.32 18.39
C GLY C 30 -5.82 -28.24 19.68
N VAL C 31 -5.95 -27.13 20.40
CA VAL C 31 -5.28 -26.97 21.69
C VAL C 31 -6.30 -26.90 22.86
N GLU C 32 -5.88 -27.29 24.05
CA GLU C 32 -6.70 -27.03 25.23
C GLU C 32 -6.17 -25.75 25.87
N PRO C 33 -6.92 -24.64 25.70
CA PRO C 33 -6.39 -23.34 26.10
C PRO C 33 -6.45 -23.16 27.62
N GLU C 34 -5.46 -22.44 28.16
CA GLU C 34 -5.48 -22.13 29.59
C GLU C 34 -6.54 -21.06 29.82
N GLU C 35 -7.44 -21.34 30.76
CA GLU C 35 -8.60 -20.50 31.05
C GLU C 35 -8.22 -19.11 31.60
N ALA C 36 -7.18 -19.07 32.43
CA ALA C 36 -6.65 -17.82 33.00
C ALA C 36 -6.00 -16.93 31.94
N ARG C 37 -5.37 -17.56 30.96
CA ARG C 37 -4.79 -16.86 29.79
C ARG C 37 -5.92 -16.23 28.98
N ILE C 38 -7.02 -16.97 28.82
CA ILE C 38 -8.21 -16.50 28.13
C ILE C 38 -8.84 -15.28 28.83
N LYS C 39 -9.13 -15.38 30.12
CA LYS C 39 -9.72 -14.23 30.82
C LYS C 39 -8.77 -13.02 30.94
N ALA C 40 -7.49 -13.28 31.15
CA ALA C 40 -6.53 -12.18 31.18
C ALA C 40 -6.60 -11.38 29.88
N LEU C 41 -6.72 -12.08 28.74
CA LEU C 41 -6.80 -11.40 27.44
C LEU C 41 -8.06 -10.54 27.32
N VAL C 42 -9.21 -11.14 27.62
CA VAL C 42 -10.51 -10.44 27.60
C VAL C 42 -10.45 -9.17 28.45
N ALA C 43 -9.92 -9.29 29.66
CA ALA C 43 -9.77 -8.16 30.57
C ALA C 43 -8.83 -7.07 30.02
N ALA C 44 -7.69 -7.48 29.49
CA ALA C 44 -6.71 -6.54 28.96
C ALA C 44 -7.29 -5.80 27.75
N LEU C 45 -8.08 -6.51 26.94
CA LEU C 45 -8.69 -5.92 25.76
C LEU C 45 -9.81 -4.91 26.05
N GLU C 46 -10.21 -4.82 27.32
CA GLU C 46 -11.20 -3.84 27.76
C GLU C 46 -10.62 -2.43 27.66
N GLY C 47 -11.37 -1.54 27.03
CA GLY C 47 -10.93 -0.15 26.83
C GLY C 47 -10.02 0.04 25.63
N VAL C 48 -9.54 -1.07 25.07
CA VAL C 48 -8.67 -1.05 23.90
C VAL C 48 -9.50 -1.03 22.60
N ASN C 49 -9.42 0.07 21.88
CA ASN C 49 -10.06 0.15 20.58
C ASN C 49 -9.14 -0.50 19.54
N ILE C 50 -9.45 -1.75 19.23
CA ILE C 50 -8.64 -2.54 18.32
C ILE C 50 -8.45 -1.87 16.95
N ASP C 51 -9.54 -1.41 16.36
CA ASP C 51 -9.49 -0.76 15.04
C ASP C 51 -8.58 0.47 15.03
N GLU C 52 -8.71 1.31 16.06
CA GLU C 52 -7.88 2.52 16.18
C GLU C 52 -6.42 2.18 16.45
N VAL C 53 -6.19 1.13 17.25
CA VAL C 53 -4.85 0.61 17.48
C VAL C 53 -4.28 0.09 16.15
N ILE C 54 -5.05 -0.73 15.45
CA ILE C 54 -4.62 -1.31 14.19
C ILE C 54 -4.22 -0.25 13.17
N GLU C 55 -5.12 0.70 12.93
CA GLU C 55 -4.95 1.69 11.86
C GLU C 55 -3.89 2.74 12.19
N LYS C 56 -3.89 3.24 13.42
CA LYS C 56 -2.90 4.22 13.87
C LYS C 56 -1.66 3.54 14.48
N ALA C 57 -1.26 2.42 13.86
CA ALA C 57 -0.11 1.62 14.29
C ALA C 57 1.21 2.35 13.97
N ALA C 58 1.67 3.14 14.94
CA ALA C 58 2.82 4.04 14.80
C ALA C 58 4.01 3.45 14.05
N MET D 1 -7.04 -9.81 7.65
CA MET D 1 -8.29 -10.58 7.41
C MET D 1 -8.23 -11.95 8.11
N GLU D 2 -9.40 -12.53 8.23
CA GLU D 2 -9.68 -13.66 9.09
C GLU D 2 -8.89 -14.92 8.73
N TYR D 3 -8.58 -15.11 7.44
CA TYR D 3 -7.95 -16.34 7.00
C TYR D 3 -6.49 -16.37 7.43
N VAL D 4 -5.86 -15.21 7.39
CA VAL D 4 -4.48 -15.04 7.85
C VAL D 4 -4.34 -15.20 9.37
N TYR D 5 -5.23 -14.56 10.14
CA TYR D 5 -5.27 -14.74 11.62
C TYR D 5 -5.49 -16.22 12.02
N ALA D 6 -6.35 -16.93 11.30
CA ALA D 6 -6.47 -18.38 11.46
C ALA D 6 -5.19 -19.14 11.10
N ALA D 7 -4.52 -18.76 10.01
CA ALA D 7 -3.27 -19.42 9.61
C ALA D 7 -2.20 -19.20 10.68
N LEU D 8 -2.14 -17.97 11.18
CA LEU D 8 -1.16 -17.59 12.21
C LEU D 8 -1.46 -18.27 13.52
N LEU D 9 -2.74 -18.41 13.85
CA LEU D 9 -3.13 -19.18 15.02
C LEU D 9 -2.60 -20.62 14.92
N LEU D 10 -2.94 -21.29 13.83
CA LEU D 10 -2.49 -22.66 13.52
C LEU D 10 -0.98 -22.79 13.64
N HIS D 11 -0.27 -21.88 12.97
CA HIS D 11 1.19 -21.83 13.00
C HIS D 11 1.74 -21.68 14.43
N SER D 12 1.16 -20.77 15.23
CA SER D 12 1.66 -20.50 16.60
C SER D 12 1.55 -21.70 17.54
N VAL D 13 0.67 -22.60 17.17
CA VAL D 13 0.28 -23.72 18.02
C VAL D 13 0.78 -25.00 17.36
N GLY D 14 1.59 -24.83 16.32
CA GLY D 14 2.27 -25.94 15.64
C GLY D 14 1.42 -26.84 14.77
N LYS D 15 0.31 -26.33 14.24
CA LYS D 15 -0.57 -27.12 13.38
C LYS D 15 -0.33 -26.81 11.90
N GLU D 16 -0.49 -27.80 11.02
CA GLU D 16 -0.32 -27.52 9.60
C GLU D 16 -1.42 -26.58 9.10
N ILE D 17 -1.03 -25.68 8.22
CA ILE D 17 -1.98 -24.75 7.63
C ILE D 17 -2.48 -25.36 6.34
N ASN D 18 -3.64 -25.98 6.42
CA ASN D 18 -4.35 -26.30 5.19
C ASN D 18 -5.87 -26.24 5.25
N GLU D 19 -6.52 -26.77 4.21
CA GLU D 19 -7.94 -26.55 4.01
C GLU D 19 -8.74 -26.97 5.23
N GLU D 20 -8.47 -28.18 5.70
CA GLU D 20 -9.21 -28.81 6.79
C GLU D 20 -9.08 -28.02 8.09
N ASN D 21 -7.85 -27.71 8.50
CA ASN D 21 -7.63 -27.01 9.78
C ASN D 21 -8.15 -25.57 9.72
N LEU D 22 -7.90 -24.90 8.60
CA LEU D 22 -8.40 -23.53 8.40
C LEU D 22 -9.92 -23.48 8.48
N LYS D 23 -10.58 -24.40 7.78
CA LYS D 23 -12.03 -24.49 7.82
C LYS D 23 -12.56 -24.65 9.24
N ALA D 24 -11.98 -25.60 9.99
CA ALA D 24 -12.43 -25.89 11.35
C ALA D 24 -12.34 -24.66 12.25
N VAL D 25 -11.25 -23.91 12.11
CA VAL D 25 -11.01 -22.73 12.94
C VAL D 25 -12.03 -21.61 12.64
N LEU D 26 -12.28 -21.35 11.35
CA LEU D 26 -13.20 -20.30 10.93
C LEU D 26 -14.63 -20.64 11.30
N GLN D 27 -15.03 -21.89 11.06
CA GLN D 27 -16.33 -22.38 11.53
C GLN D 27 -16.51 -22.17 13.03
N ALA D 28 -15.44 -22.40 13.82
CA ALA D 28 -15.52 -22.26 15.27
C ALA D 28 -15.71 -20.81 15.69
N ALA D 29 -15.27 -19.90 14.82
CA ALA D 29 -15.46 -18.47 15.02
C ALA D 29 -16.90 -18.03 14.74
N GLY D 30 -17.71 -18.93 14.17
CA GLY D 30 -19.11 -18.65 13.91
C GLY D 30 -19.44 -18.14 12.51
N VAL D 31 -18.50 -18.30 11.58
CA VAL D 31 -18.74 -17.93 10.18
C VAL D 31 -18.69 -19.12 9.22
N GLU D 32 -19.36 -18.98 8.09
CA GLU D 32 -19.17 -19.90 6.99
C GLU D 32 -18.04 -19.40 6.10
N PRO D 33 -16.88 -20.09 6.12
CA PRO D 33 -15.72 -19.56 5.43
C PRO D 33 -15.84 -19.73 3.93
N GLU D 34 -15.19 -18.85 3.18
CA GLU D 34 -15.20 -18.94 1.73
C GLU D 34 -14.09 -19.90 1.30
N GLU D 35 -14.49 -21.02 0.71
CA GLU D 35 -13.57 -22.06 0.25
C GLU D 35 -12.46 -21.48 -0.66
N ALA D 36 -12.87 -20.60 -1.56
CA ALA D 36 -11.95 -19.95 -2.49
C ALA D 36 -10.82 -19.20 -1.78
N ARG D 37 -11.14 -18.53 -0.68
CA ARG D 37 -10.15 -17.76 0.08
C ARG D 37 -9.22 -18.70 0.89
N ILE D 38 -9.80 -19.77 1.44
CA ILE D 38 -8.99 -20.74 2.15
C ILE D 38 -7.96 -21.33 1.22
N LYS D 39 -8.44 -21.79 0.05
CA LYS D 39 -7.59 -22.44 -0.92
C LYS D 39 -6.50 -21.51 -1.45
N ALA D 40 -6.84 -20.25 -1.71
CA ALA D 40 -5.86 -19.28 -2.21
C ALA D 40 -4.73 -19.04 -1.21
N LEU D 41 -5.08 -18.93 0.08
CA LEU D 41 -4.06 -18.69 1.11
C LEU D 41 -3.18 -19.92 1.27
N VAL D 42 -3.78 -21.10 1.34
CA VAL D 42 -3.02 -22.34 1.39
C VAL D 42 -2.02 -22.42 0.25
N ALA D 43 -2.48 -22.22 -0.98
CA ALA D 43 -1.62 -22.22 -2.17
C ALA D 43 -0.52 -21.14 -2.11
N ALA D 44 -0.89 -19.92 -1.69
CA ALA D 44 0.05 -18.78 -1.61
C ALA D 44 1.13 -19.01 -0.58
N LEU D 45 0.79 -19.83 0.42
CA LEU D 45 1.68 -20.13 1.53
C LEU D 45 2.60 -21.32 1.29
N GLU D 46 2.45 -22.02 0.16
CA GLU D 46 3.39 -23.10 -0.18
C GLU D 46 4.80 -22.52 -0.22
N GLY D 47 5.73 -23.19 0.46
CA GLY D 47 7.13 -22.79 0.49
C GLY D 47 7.45 -21.52 1.27
N VAL D 48 6.42 -20.88 1.83
CA VAL D 48 6.62 -19.65 2.62
C VAL D 48 7.05 -20.01 4.05
N ASN D 49 8.21 -19.52 4.48
CA ASN D 49 8.69 -19.71 5.85
C ASN D 49 8.18 -18.56 6.73
N ILE D 50 7.11 -18.85 7.47
CA ILE D 50 6.36 -17.82 8.18
C ILE D 50 7.21 -17.13 9.27
N ASP D 51 7.98 -17.91 10.01
CA ASP D 51 8.87 -17.39 11.05
C ASP D 51 9.90 -16.42 10.50
N GLU D 52 10.55 -16.80 9.40
CA GLU D 52 11.54 -15.97 8.70
C GLU D 52 10.92 -14.68 8.12
N VAL D 53 9.68 -14.79 7.62
CA VAL D 53 8.92 -13.62 7.13
C VAL D 53 8.64 -12.62 8.27
N ILE D 54 8.23 -13.14 9.42
CA ILE D 54 7.89 -12.28 10.55
C ILE D 54 9.18 -11.59 11.04
N GLU D 55 10.21 -12.39 11.29
CA GLU D 55 11.53 -11.89 11.70
C GLU D 55 12.20 -10.95 10.69
N LYS D 56 11.82 -11.02 9.42
CA LYS D 56 12.43 -10.13 8.43
C LYS D 56 11.79 -8.72 8.50
N ALA D 57 10.85 -8.56 9.44
CA ALA D 57 10.16 -7.28 9.64
C ALA D 57 10.51 -6.55 10.95
N ALA D 58 10.07 -5.29 11.02
CA ALA D 58 10.02 -4.43 12.21
C ALA D 58 10.76 -4.92 13.47
N MET E 1 -0.75 -7.84 -9.46
CA MET E 1 -1.76 -8.87 -9.80
C MET E 1 -2.98 -8.46 -10.62
N GLU E 2 -3.20 -9.25 -11.66
CA GLU E 2 -4.05 -8.81 -12.77
C GLU E 2 -5.49 -8.65 -12.35
N TYR E 3 -5.94 -9.48 -11.40
CA TYR E 3 -7.31 -9.41 -10.91
C TYR E 3 -7.56 -8.09 -10.19
N VAL E 4 -6.57 -7.66 -9.41
CA VAL E 4 -6.64 -6.39 -8.69
C VAL E 4 -6.59 -5.16 -9.64
N TYR E 5 -5.70 -5.18 -10.63
CA TYR E 5 -5.68 -4.11 -11.65
C TYR E 5 -7.02 -3.99 -12.35
N ALA E 6 -7.60 -5.12 -12.67
CA ALA E 6 -8.91 -5.16 -13.29
C ALA E 6 -9.96 -4.57 -12.36
N ALA E 7 -9.90 -4.92 -11.07
CA ALA E 7 -10.85 -4.37 -10.11
C ALA E 7 -10.70 -2.85 -9.98
N LEU E 8 -9.46 -2.35 -9.87
CA LEU E 8 -9.23 -0.92 -9.69
C LEU E 8 -9.57 -0.11 -10.92
N LEU E 9 -9.33 -0.71 -12.09
CA LEU E 9 -9.82 -0.15 -13.35
C LEU E 9 -11.35 0.11 -13.36
N LEU E 10 -12.12 -0.93 -13.02
CA LEU E 10 -13.58 -0.82 -12.89
C LEU E 10 -13.95 0.27 -11.88
N HIS E 11 -13.32 0.20 -10.72
CA HIS E 11 -13.61 1.16 -9.67
C HIS E 11 -13.33 2.61 -10.09
N SER E 12 -12.25 2.82 -10.84
CA SER E 12 -11.88 4.18 -11.26
C SER E 12 -12.97 4.87 -12.14
N VAL E 13 -13.78 4.07 -12.83
CA VAL E 13 -14.83 4.58 -13.67
C VAL E 13 -16.22 4.33 -13.08
N GLY E 14 -16.29 3.95 -11.80
CA GLY E 14 -17.57 3.77 -11.13
C GLY E 14 -18.34 2.52 -11.54
N LYS E 15 -17.62 1.53 -12.06
CA LYS E 15 -18.25 0.28 -12.45
C LYS E 15 -18.15 -0.73 -11.31
N GLU E 16 -19.22 -1.47 -11.08
CA GLU E 16 -19.26 -2.49 -10.03
C GLU E 16 -18.22 -3.58 -10.21
N ILE E 17 -17.54 -3.93 -9.12
CA ILE E 17 -16.60 -5.04 -9.13
C ILE E 17 -17.38 -6.31 -8.79
N ASN E 18 -17.82 -7.00 -9.84
CA ASN E 18 -18.49 -8.27 -9.68
C ASN E 18 -17.84 -9.27 -10.64
N GLU E 19 -18.33 -10.50 -10.62
CA GLU E 19 -17.71 -11.57 -11.38
C GLU E 19 -17.79 -11.32 -12.90
N GLU E 20 -18.94 -10.86 -13.36
CA GLU E 20 -19.16 -10.59 -14.77
C GLU E 20 -18.20 -9.54 -15.29
N ASN E 21 -18.12 -8.39 -14.61
CA ASN E 21 -17.31 -7.27 -15.04
C ASN E 21 -15.83 -7.59 -14.99
N LEU E 22 -15.41 -8.30 -13.95
CA LEU E 22 -14.02 -8.75 -13.81
C LEU E 22 -13.64 -9.69 -14.96
N LYS E 23 -14.51 -10.67 -15.23
CA LYS E 23 -14.30 -11.63 -16.31
C LYS E 23 -14.19 -10.93 -17.66
N ALA E 24 -15.10 -10.00 -17.93
CA ALA E 24 -15.09 -9.26 -19.19
C ALA E 24 -13.78 -8.47 -19.40
N VAL E 25 -13.29 -7.79 -18.38
CA VAL E 25 -12.06 -7.00 -18.49
C VAL E 25 -10.82 -7.94 -18.69
N LEU E 26 -10.76 -9.03 -17.91
CA LEU E 26 -9.67 -10.00 -18.01
C LEU E 26 -9.63 -10.69 -19.38
N GLN E 27 -10.78 -11.12 -19.87
CA GLN E 27 -10.84 -11.73 -21.22
C GLN E 27 -10.41 -10.76 -22.32
N ALA E 28 -10.77 -9.50 -22.17
CA ALA E 28 -10.36 -8.47 -23.12
C ALA E 28 -8.83 -8.28 -23.12
N ALA E 29 -8.20 -8.55 -21.98
CA ALA E 29 -6.74 -8.53 -21.87
C ALA E 29 -6.09 -9.81 -22.39
N GLY E 30 -6.92 -10.71 -22.93
CA GLY E 30 -6.43 -11.93 -23.56
C GLY E 30 -6.18 -13.08 -22.62
N VAL E 31 -6.78 -13.04 -21.44
CA VAL E 31 -6.61 -14.17 -20.52
C VAL E 31 -7.92 -14.86 -20.14
N GLU E 32 -7.81 -16.17 -19.90
CA GLU E 32 -8.91 -16.97 -19.41
C GLU E 32 -8.92 -16.76 -17.90
N PRO E 33 -9.99 -16.12 -17.38
CA PRO E 33 -10.01 -15.82 -15.95
C PRO E 33 -10.20 -17.08 -15.15
N GLU E 34 -9.53 -17.18 -14.01
CA GLU E 34 -9.72 -18.31 -13.13
C GLU E 34 -10.86 -17.97 -12.18
N GLU E 35 -11.94 -18.73 -12.28
CA GLU E 35 -13.14 -18.50 -11.49
C GLU E 35 -12.89 -18.41 -9.97
N ALA E 36 -12.00 -19.27 -9.46
CA ALA E 36 -11.69 -19.25 -8.03
C ALA E 36 -11.04 -17.92 -7.62
N ARG E 37 -10.16 -17.40 -8.48
CA ARG E 37 -9.48 -16.13 -8.19
C ARG E 37 -10.43 -14.93 -8.21
N ILE E 38 -11.35 -14.91 -9.16
CA ILE E 38 -12.41 -13.90 -9.22
C ILE E 38 -13.31 -14.00 -7.99
N LYS E 39 -13.75 -15.21 -7.69
CA LYS E 39 -14.58 -15.48 -6.51
C LYS E 39 -13.91 -14.96 -5.22
N ALA E 40 -12.64 -15.32 -5.03
CA ALA E 40 -11.90 -14.95 -3.82
C ALA E 40 -11.73 -13.43 -3.70
N LEU E 41 -11.47 -12.78 -4.84
CA LEU E 41 -11.30 -11.34 -4.82
C LEU E 41 -12.59 -10.61 -4.46
N VAL E 42 -13.70 -11.01 -5.07
CA VAL E 42 -14.98 -10.38 -4.77
C VAL E 42 -15.31 -10.54 -3.28
N ALA E 43 -15.04 -11.73 -2.72
CA ALA E 43 -15.27 -12.00 -1.31
C ALA E 43 -14.34 -11.18 -0.42
N ALA E 44 -13.07 -11.06 -0.82
CA ALA E 44 -12.08 -10.29 -0.06
C ALA E 44 -12.47 -8.81 0.00
N LEU E 45 -13.20 -8.37 -1.02
CA LEU E 45 -13.64 -6.98 -1.18
C LEU E 45 -14.95 -6.61 -0.48
N GLU E 46 -15.68 -7.60 0.05
CA GLU E 46 -16.98 -7.34 0.72
C GLU E 46 -16.74 -6.43 1.91
N GLY E 47 -17.50 -5.35 1.98
CA GLY E 47 -17.43 -4.44 3.12
C GLY E 47 -16.23 -3.49 3.06
N VAL E 48 -15.41 -3.61 2.03
CA VAL E 48 -14.21 -2.78 1.94
C VAL E 48 -14.48 -1.44 1.26
N ASN E 49 -14.04 -0.37 1.91
CA ASN E 49 -14.04 0.97 1.35
C ASN E 49 -12.76 1.14 0.55
N ILE E 50 -12.85 0.94 -0.76
CA ILE E 50 -11.67 0.97 -1.63
C ILE E 50 -10.94 2.34 -1.61
N ASP E 51 -11.70 3.43 -1.64
CA ASP E 51 -11.11 4.78 -1.58
C ASP E 51 -10.17 4.97 -0.39
N GLU E 52 -10.50 4.35 0.73
CA GLU E 52 -9.68 4.45 1.92
C GLU E 52 -8.45 3.53 1.85
N VAL E 53 -8.66 2.25 1.59
CA VAL E 53 -7.59 1.24 1.71
C VAL E 53 -6.48 1.34 0.64
N ILE E 54 -6.78 1.95 -0.52
CA ILE E 54 -5.73 2.09 -1.53
C ILE E 54 -4.58 3.01 -1.06
N GLU E 55 -4.80 3.71 0.06
CA GLU E 55 -3.93 4.83 0.50
C GLU E 55 -2.94 4.65 1.68
N LYS E 56 -2.82 3.48 2.31
CA LYS E 56 -1.74 3.36 3.33
C LYS E 56 -0.91 2.06 3.39
N ALA E 57 0.39 2.23 3.62
CA ALA E 57 1.40 1.15 3.54
C ALA E 57 2.48 1.27 4.62
N ALA E 58 3.72 1.57 4.19
CA ALA E 58 4.93 1.78 5.02
C ALA E 58 6.10 0.86 4.61
N MET F 1 -7.27 5.44 -12.03
CA MET F 1 -7.23 6.09 -13.37
C MET F 1 -7.09 5.02 -14.44
N GLU F 2 -8.16 4.91 -15.23
CA GLU F 2 -8.41 3.72 -16.02
C GLU F 2 -7.33 3.42 -17.03
N TYR F 3 -6.63 4.43 -17.53
CA TYR F 3 -5.61 4.26 -18.58
C TYR F 3 -4.36 3.59 -18.00
N VAL F 4 -4.03 4.02 -16.80
CA VAL F 4 -2.88 3.51 -16.11
C VAL F 4 -3.16 2.10 -15.58
N TYR F 5 -4.34 1.86 -15.05
CA TYR F 5 -4.72 0.50 -14.65
C TYR F 5 -4.84 -0.44 -15.84
N ALA F 6 -5.35 0.06 -16.96
CA ALA F 6 -5.39 -0.76 -18.18
C ALA F 6 -3.96 -1.17 -18.61
N ALA F 7 -2.99 -0.25 -18.51
CA ALA F 7 -1.59 -0.49 -18.88
C ALA F 7 -0.95 -1.51 -17.94
N LEU F 8 -1.19 -1.31 -16.65
CA LEU F 8 -0.64 -2.22 -15.64
C LEU F 8 -1.23 -3.62 -15.79
N LEU F 9 -2.52 -3.69 -16.06
CA LEU F 9 -3.18 -4.96 -16.37
C LEU F 9 -2.48 -5.67 -17.52
N LEU F 10 -2.39 -5.01 -18.66
CA LEU F 10 -1.72 -5.54 -19.85
C LEU F 10 -0.29 -6.00 -19.57
N HIS F 11 0.47 -5.17 -18.87
CA HIS F 11 1.83 -5.51 -18.50
C HIS F 11 1.86 -6.74 -17.61
N SER F 12 0.92 -6.86 -16.67
CA SER F 12 0.95 -7.98 -15.73
C SER F 12 0.64 -9.29 -16.44
N VAL F 13 -0.02 -9.24 -17.59
CA VAL F 13 -0.35 -10.48 -18.31
C VAL F 13 0.47 -10.70 -19.57
N GLY F 14 1.56 -9.95 -19.67
CA GLY F 14 2.54 -10.13 -20.73
C GLY F 14 2.07 -9.61 -22.08
N LYS F 15 1.11 -8.68 -22.07
CA LYS F 15 0.58 -8.12 -23.31
C LYS F 15 1.18 -6.74 -23.55
N GLU F 16 1.41 -6.45 -24.83
CA GLU F 16 1.94 -5.19 -25.25
C GLU F 16 0.92 -4.08 -24.99
N ILE F 17 1.41 -2.99 -24.42
CA ILE F 17 0.64 -1.80 -24.21
C ILE F 17 0.63 -1.01 -25.53
N ASN F 18 -0.33 -1.35 -26.38
CA ASN F 18 -0.52 -0.66 -27.65
C ASN F 18 -1.95 -0.18 -27.74
N GLU F 19 -2.27 0.56 -28.78
CA GLU F 19 -3.62 1.09 -28.90
C GLU F 19 -4.71 0.00 -28.93
N GLU F 20 -4.54 -1.02 -29.77
CA GLU F 20 -5.50 -2.14 -29.86
C GLU F 20 -5.81 -2.81 -28.50
N ASN F 21 -4.77 -3.14 -27.75
CA ASN F 21 -4.95 -3.89 -26.51
C ASN F 21 -5.57 -2.96 -25.49
N LEU F 22 -5.11 -1.71 -25.43
CA LEU F 22 -5.66 -0.75 -24.48
C LEU F 22 -7.15 -0.50 -24.74
N LYS F 23 -7.50 -0.28 -26.01
CA LYS F 23 -8.89 -0.06 -26.41
C LYS F 23 -9.80 -1.22 -26.00
N ALA F 24 -9.38 -2.46 -26.29
CA ALA F 24 -10.17 -3.65 -25.94
C ALA F 24 -10.45 -3.77 -24.42
N VAL F 25 -9.42 -3.56 -23.60
CA VAL F 25 -9.56 -3.60 -22.13
C VAL F 25 -10.50 -2.49 -21.60
N LEU F 26 -10.31 -1.27 -22.09
CA LEU F 26 -11.15 -0.14 -21.71
C LEU F 26 -12.62 -0.34 -22.14
N GLN F 27 -12.82 -0.76 -23.40
CA GLN F 27 -14.15 -1.08 -23.93
C GLN F 27 -14.89 -2.04 -23.01
N ALA F 28 -14.22 -3.13 -22.62
CA ALA F 28 -14.80 -4.18 -21.78
C ALA F 28 -15.21 -3.62 -20.43
N ALA F 29 -14.58 -2.53 -20.03
CA ALA F 29 -14.97 -1.82 -18.80
C ALA F 29 -16.06 -0.76 -19.04
N GLY F 30 -16.57 -0.67 -20.27
CA GLY F 30 -17.62 0.30 -20.61
C GLY F 30 -17.11 1.73 -20.77
N VAL F 31 -15.81 1.89 -20.97
CA VAL F 31 -15.20 3.20 -21.16
C VAL F 31 -15.28 3.64 -22.63
N GLU F 32 -15.81 4.82 -22.85
CA GLU F 32 -15.92 5.40 -24.19
C GLU F 32 -14.53 5.80 -24.73
N PRO F 33 -14.34 5.67 -26.05
CA PRO F 33 -13.00 5.77 -26.65
C PRO F 33 -12.48 7.20 -26.61
N GLU F 34 -11.27 7.38 -26.13
CA GLU F 34 -10.63 8.71 -26.22
C GLU F 34 -9.27 8.58 -26.90
N GLU F 35 -9.26 8.73 -28.22
CA GLU F 35 -8.09 8.41 -29.01
C GLU F 35 -6.84 9.18 -28.54
N ALA F 36 -6.99 10.48 -28.28
CA ALA F 36 -5.88 11.32 -27.83
C ALA F 36 -5.26 10.81 -26.54
N ARG F 37 -6.08 10.33 -25.62
CA ARG F 37 -5.59 9.87 -24.31
C ARG F 37 -4.99 8.48 -24.46
N ILE F 38 -5.59 7.67 -25.33
CA ILE F 38 -5.00 6.38 -25.65
C ILE F 38 -3.60 6.55 -26.26
N LYS F 39 -3.51 7.40 -27.28
CA LYS F 39 -2.27 7.58 -28.01
C LYS F 39 -1.22 8.25 -27.10
N ALA F 40 -1.65 9.21 -26.28
CA ALA F 40 -0.76 9.87 -25.34
C ALA F 40 -0.15 8.86 -24.35
N LEU F 41 -0.98 7.94 -23.86
CA LEU F 41 -0.55 6.92 -22.89
C LEU F 41 0.52 6.04 -23.53
N VAL F 42 0.22 5.56 -24.74
CA VAL F 42 1.19 4.76 -25.49
C VAL F 42 2.50 5.51 -25.74
N ALA F 43 2.42 6.78 -26.13
CA ALA F 43 3.64 7.57 -26.34
C ALA F 43 4.42 7.73 -25.04
N ALA F 44 3.71 8.03 -23.94
CA ALA F 44 4.36 8.24 -22.66
C ALA F 44 5.11 6.99 -22.18
N LEU F 45 4.56 5.82 -22.50
CA LEU F 45 5.10 4.55 -22.01
C LEU F 45 6.11 3.90 -22.96
N GLU F 46 6.28 4.48 -24.14
CA GLU F 46 7.30 4.03 -25.10
C GLU F 46 8.71 4.20 -24.54
N GLY F 47 9.48 3.12 -24.58
CA GLY F 47 10.84 3.12 -24.01
C GLY F 47 10.89 3.05 -22.50
N VAL F 48 9.74 3.11 -21.84
CA VAL F 48 9.68 3.05 -20.39
C VAL F 48 9.83 1.60 -19.92
N ASN F 49 10.80 1.38 -19.05
CA ASN F 49 10.99 0.11 -18.40
C ASN F 49 9.99 0.03 -17.25
N ILE F 50 8.84 -0.58 -17.49
CA ILE F 50 7.77 -0.59 -16.48
C ILE F 50 8.17 -1.33 -15.21
N ASP F 51 8.90 -2.43 -15.37
CA ASP F 51 9.36 -3.22 -14.23
C ASP F 51 10.32 -2.45 -13.32
N GLU F 52 11.17 -1.62 -13.91
CA GLU F 52 12.01 -0.71 -13.14
C GLU F 52 11.24 0.39 -12.43
N VAL F 53 10.32 1.00 -13.15
CA VAL F 53 9.41 1.99 -12.59
C VAL F 53 8.69 1.44 -11.34
N ILE F 54 8.16 0.21 -11.46
CA ILE F 54 7.44 -0.49 -10.38
C ILE F 54 8.32 -0.82 -9.17
N GLU F 55 9.55 -1.28 -9.42
CA GLU F 55 10.48 -1.64 -8.33
C GLU F 55 10.89 -0.39 -7.53
N LYS F 56 10.87 0.78 -8.19
CA LYS F 56 11.12 2.07 -7.53
C LYS F 56 9.91 2.61 -6.73
N ALA F 57 8.78 1.92 -6.85
CA ALA F 57 7.69 1.84 -5.84
C ALA F 57 7.29 3.09 -5.04
N ALA F 58 7.20 4.22 -5.74
CA ALA F 58 6.85 5.51 -5.11
C ALA F 58 6.20 6.45 -6.12
N MET G 1 13.29 25.22 -60.91
CA MET G 1 12.22 26.00 -61.61
C MET G 1 11.63 27.08 -60.68
N ALA G 2 12.28 28.24 -60.68
CA ALA G 2 11.90 29.36 -59.78
C ALA G 2 12.05 30.74 -60.43
N HIS G 3 12.23 30.76 -61.74
CA HIS G 3 12.23 32.00 -62.54
C HIS G 3 10.84 32.64 -62.52
N VAL G 4 9.83 31.83 -62.24
CA VAL G 4 8.43 32.27 -62.26
C VAL G 4 7.58 31.56 -61.19
N ALA G 5 6.43 31.04 -61.58
CA ALA G 5 5.41 30.45 -60.69
C ALA G 5 5.89 29.19 -59.95
N GLU G 6 5.39 28.90 -58.74
CA GLU G 6 4.33 29.64 -58.00
C GLU G 6 2.89 29.36 -58.48
N TRP G 7 2.74 28.35 -59.35
CA TRP G 7 1.48 28.08 -60.03
C TRP G 7 0.47 27.35 -59.14
N LYS G 8 -0.78 27.78 -59.24
CA LYS G 8 -1.87 27.20 -58.45
C LYS G 8 -2.41 25.94 -59.12
N LYS G 9 -2.54 24.89 -58.30
CA LYS G 9 -2.75 23.52 -58.75
C LYS G 9 -1.66 23.02 -59.70
N LYS G 10 -0.45 23.50 -59.45
CA LYS G 10 0.79 22.82 -59.81
C LYS G 10 1.53 22.66 -58.50
N GLU G 11 1.54 23.73 -57.71
CA GLU G 11 2.04 23.70 -56.34
C GLU G 11 1.02 23.05 -55.43
N VAL G 12 -0.24 23.52 -55.47
CA VAL G 12 -1.30 22.91 -54.66
C VAL G 12 -1.69 21.51 -55.14
N GLU G 13 -1.50 21.24 -56.43
CA GLU G 13 -1.62 19.90 -57.00
C GLU G 13 -0.63 18.94 -56.33
N GLU G 14 0.65 19.32 -56.34
CA GLU G 14 1.73 18.53 -55.76
C GLU G 14 1.55 18.34 -54.24
N LEU G 15 1.27 19.44 -53.55
CA LEU G 15 0.97 19.41 -52.11
C LEU G 15 -0.23 18.52 -51.80
N ALA G 16 -1.20 18.51 -52.72
CA ALA G 16 -2.37 17.63 -52.65
C ALA G 16 -2.01 16.17 -52.49
N LYS G 17 -1.36 15.63 -53.52
CA LYS G 17 -0.91 14.23 -53.53
C LYS G 17 -0.07 13.94 -52.29
N LEU G 18 0.71 14.92 -51.86
CA LEU G 18 1.63 14.75 -50.76
C LEU G 18 0.90 14.45 -49.45
N ILE G 19 -0.10 15.28 -49.15
CA ILE G 19 -0.91 15.15 -47.94
C ILE G 19 -1.63 13.80 -47.93
N LYS G 20 -2.12 13.37 -49.09
CA LYS G 20 -2.79 12.08 -49.26
C LYS G 20 -1.82 10.88 -49.14
N SER G 21 -0.52 11.15 -49.14
CA SER G 21 0.50 10.11 -49.16
C SER G 21 1.00 9.72 -47.76
N TYR G 22 0.70 10.55 -46.76
CA TYR G 22 1.26 10.36 -45.43
C TYR G 22 0.15 10.34 -44.40
N PRO G 23 0.30 9.53 -43.33
CA PRO G 23 -0.76 9.45 -42.31
C PRO G 23 -0.83 10.64 -41.35
N VAL G 24 0.25 11.41 -41.22
CA VAL G 24 0.38 12.42 -40.18
C VAL G 24 0.74 13.77 -40.82
N ILE G 25 -0.13 14.76 -40.62
CA ILE G 25 0.01 16.04 -41.31
C ILE G 25 0.07 17.16 -40.29
N ALA G 26 1.21 17.82 -40.20
CA ALA G 26 1.37 18.90 -39.23
C ALA G 26 1.53 20.24 -39.90
N LEU G 27 1.01 21.27 -39.23
CA LEU G 27 1.36 22.64 -39.55
C LEU G 27 2.38 23.09 -38.52
N VAL G 28 3.48 23.64 -39.02
CA VAL G 28 4.57 24.13 -38.18
C VAL G 28 4.90 25.60 -38.47
N ASP G 29 5.38 26.31 -37.46
CA ASP G 29 5.85 27.69 -37.65
C ASP G 29 7.35 27.65 -37.93
N VAL G 30 7.73 28.17 -39.10
CA VAL G 30 9.12 28.17 -39.56
C VAL G 30 9.80 29.54 -39.46
N SER G 31 9.05 30.56 -39.08
CA SER G 31 9.50 31.96 -39.15
C SER G 31 10.74 32.30 -38.32
N SER G 32 11.02 31.49 -37.30
CA SER G 32 12.16 31.76 -36.44
C SER G 32 13.50 31.28 -37.02
N MET G 33 13.45 30.46 -38.07
CA MET G 33 14.64 29.81 -38.64
C MET G 33 15.24 30.53 -39.85
N PRO G 34 16.52 30.93 -39.74
CA PRO G 34 17.25 31.39 -40.92
C PRO G 34 17.34 30.27 -41.95
N ALA G 35 17.70 30.62 -43.19
CA ALA G 35 17.59 29.69 -44.31
C ALA G 35 18.39 28.39 -44.17
N TYR G 36 19.63 28.49 -43.67
CA TYR G 36 20.47 27.31 -43.53
C TYR G 36 20.01 26.39 -42.38
N PRO G 37 19.79 26.94 -41.16
CA PRO G 37 19.18 26.15 -40.07
C PRO G 37 17.89 25.43 -40.49
N LEU G 38 17.05 26.11 -41.27
CA LEU G 38 15.83 25.50 -41.76
C LEU G 38 16.18 24.36 -42.70
N SER G 39 17.17 24.59 -43.55
CA SER G 39 17.66 23.55 -44.47
C SER G 39 18.13 22.30 -43.70
N GLN G 40 18.83 22.51 -42.60
CA GLN G 40 19.26 21.42 -41.75
C GLN G 40 18.09 20.71 -41.10
N MET G 41 17.07 21.47 -40.72
CA MET G 41 15.84 20.88 -40.20
C MET G 41 15.13 20.00 -41.23
N ARG G 42 14.95 20.52 -42.45
CA ARG G 42 14.43 19.74 -43.58
C ARG G 42 15.16 18.40 -43.80
N ARG G 43 16.50 18.41 -43.77
CA ARG G 43 17.31 17.18 -43.90
C ARG G 43 17.02 16.17 -42.81
N LEU G 44 16.98 16.65 -41.57
CA LEU G 44 16.63 15.84 -40.40
C LEU G 44 15.24 15.21 -40.53
N ILE G 45 14.27 15.99 -40.97
CA ILE G 45 12.89 15.53 -41.13
C ILE G 45 12.83 14.45 -42.23
N ARG G 46 13.59 14.64 -43.29
CA ARG G 46 13.68 13.63 -44.36
C ARG G 46 14.28 12.32 -43.89
N GLU G 47 15.36 12.40 -43.11
CA GLU G 47 16.00 11.21 -42.55
C GLU G 47 15.10 10.48 -41.56
N ASN G 48 14.03 11.15 -41.12
CA ASN G 48 13.08 10.60 -40.15
C ASN G 48 11.65 10.35 -40.65
N GLY G 49 11.50 10.08 -41.94
CA GLY G 49 10.26 9.55 -42.50
C GLY G 49 9.25 10.59 -42.96
N GLY G 50 9.71 11.80 -43.23
CA GLY G 50 8.79 12.85 -43.60
C GLY G 50 9.41 13.95 -44.41
N LEU G 51 8.64 15.01 -44.62
CA LEU G 51 9.18 16.18 -45.29
C LEU G 51 8.40 17.46 -45.00
N LEU G 52 9.04 18.58 -45.31
CA LEU G 52 8.50 19.88 -45.05
C LEU G 52 8.27 20.69 -46.34
N ARG G 53 7.12 21.35 -46.41
CA ARG G 53 6.83 22.20 -47.55
C ARG G 53 6.40 23.57 -47.07
N VAL G 54 6.97 24.62 -47.67
CA VAL G 54 6.57 25.98 -47.34
C VAL G 54 5.81 26.59 -48.52
N SER G 55 4.69 27.24 -48.21
CA SER G 55 3.85 28.01 -49.15
C SER G 55 2.92 28.88 -48.29
N ARG G 56 1.93 29.55 -48.88
CA ARG G 56 1.11 30.52 -48.12
C ARG G 56 -0.40 30.24 -48.13
N ASN G 57 -1.10 30.67 -49.18
CA ASN G 57 -2.54 30.41 -49.32
C ASN G 57 -2.83 29.07 -50.00
N THR G 58 -1.85 28.57 -50.76
CA THR G 58 -1.99 27.34 -51.53
C THR G 58 -1.81 26.14 -50.60
N LEU G 59 -1.21 26.40 -49.45
CA LEU G 59 -1.21 25.50 -48.32
C LEU G 59 -2.65 25.25 -47.84
N ILE G 60 -3.44 26.32 -47.71
CA ILE G 60 -4.88 26.19 -47.42
C ILE G 60 -5.53 25.49 -48.64
N GLU G 61 -5.96 24.26 -48.41
CA GLU G 61 -6.03 23.25 -49.49
C GLU G 61 -5.67 21.88 -48.86
N LEU G 62 -5.42 21.91 -47.55
CA LEU G 62 -5.76 20.79 -46.71
C LEU G 62 -7.20 20.42 -47.08
N ALA G 63 -7.94 21.41 -47.60
CA ALA G 63 -9.31 21.30 -48.09
C ALA G 63 -9.47 20.38 -49.31
N ILE G 64 -8.66 20.57 -50.34
CA ILE G 64 -8.76 19.70 -51.54
C ILE G 64 -8.37 18.24 -51.28
N LYS G 65 -7.47 18.00 -50.33
CA LYS G 65 -7.11 16.62 -49.96
C LYS G 65 -8.17 16.03 -49.06
N LYS G 66 -8.67 16.81 -48.10
CA LYS G 66 -9.76 16.34 -47.25
C LYS G 66 -10.98 16.00 -48.10
N ALA G 67 -11.27 16.85 -49.08
CA ALA G 67 -12.39 16.62 -50.00
C ALA G 67 -12.14 15.38 -50.84
N ALA G 68 -10.96 15.30 -51.48
CA ALA G 68 -10.58 14.14 -52.28
C ALA G 68 -10.64 12.81 -51.49
N LYS G 69 -10.77 12.91 -50.16
CA LYS G 69 -11.19 11.77 -49.34
C LYS G 69 -12.33 12.09 -48.34
N GLU G 70 -12.29 11.50 -47.15
CA GLU G 70 -13.52 11.31 -46.35
C GLU G 70 -13.61 12.03 -44.99
N LEU G 71 -12.66 12.92 -44.70
CA LEU G 71 -12.35 13.23 -43.30
C LEU G 71 -12.94 14.52 -42.69
N GLY G 72 -12.11 15.15 -41.86
CA GLY G 72 -12.40 16.41 -41.18
C GLY G 72 -11.05 16.96 -40.73
N LYS G 73 -10.15 17.13 -41.70
CA LYS G 73 -8.83 17.72 -41.46
C LYS G 73 -8.62 19.10 -42.12
N PRO G 74 -9.69 19.71 -42.65
CA PRO G 74 -9.41 20.76 -43.59
C PRO G 74 -9.70 22.12 -43.01
N GLU G 75 -10.28 22.94 -43.88
CA GLU G 75 -11.06 24.11 -43.55
C GLU G 75 -12.37 23.61 -42.94
N LEU G 76 -13.19 22.99 -43.79
CA LEU G 76 -14.61 22.62 -43.56
C LEU G 76 -15.09 22.35 -42.11
N GLU G 77 -15.15 21.07 -41.73
CA GLU G 77 -15.71 20.65 -40.42
C GLU G 77 -14.66 20.61 -39.30
N LYS G 78 -13.51 21.21 -39.56
CA LYS G 78 -12.42 21.28 -38.60
C LYS G 78 -12.69 22.33 -37.50
N LEU G 79 -11.61 22.81 -36.88
CA LEU G 79 -11.68 23.56 -35.62
C LEU G 79 -11.45 25.06 -35.81
N VAL G 80 -10.19 25.43 -36.01
CA VAL G 80 -9.76 26.82 -36.19
C VAL G 80 -8.44 26.88 -36.97
N GLU G 81 -8.46 26.36 -38.21
CA GLU G 81 -7.25 26.21 -39.03
C GLU G 81 -6.09 26.96 -38.42
N TYR G 82 -5.27 26.19 -37.71
CA TYR G 82 -4.21 26.68 -36.82
C TYR G 82 -3.06 27.31 -37.59
N ILE G 83 -3.31 27.60 -38.86
CA ILE G 83 -2.34 28.23 -39.72
C ILE G 83 -1.98 29.62 -39.20
N ASP G 84 -0.70 29.96 -39.29
CA ASP G 84 -0.28 31.33 -39.10
C ASP G 84 0.60 31.78 -40.25
N ARG G 85 1.07 33.02 -40.15
CA ARG G 85 2.00 33.59 -41.11
C ARG G 85 3.29 32.77 -41.11
N GLY G 86 3.79 32.44 -42.30
CA GLY G 86 4.98 31.59 -42.37
C GLY G 86 4.80 30.26 -41.62
N ALA G 87 3.61 29.68 -41.74
CA ALA G 87 3.44 28.28 -41.38
C ALA G 87 3.94 27.44 -42.57
N GLY G 88 4.47 26.26 -42.26
CA GLY G 88 4.86 25.31 -43.28
C GLY G 88 4.02 24.08 -43.04
N ILE G 89 4.05 23.14 -43.98
CA ILE G 89 3.32 21.92 -43.82
C ILE G 89 4.30 20.77 -43.80
N LEU G 90 4.21 19.97 -42.75
CA LEU G 90 5.11 18.84 -42.59
C LEU G 90 4.32 17.54 -42.55
N VAL G 91 4.58 16.70 -43.56
CA VAL G 91 3.91 15.42 -43.73
C VAL G 91 4.91 14.31 -43.32
N THR G 92 4.43 13.33 -42.58
CA THR G 92 5.32 12.34 -41.99
C THR G 92 4.62 11.03 -41.62
N ASN G 93 5.43 9.99 -41.44
CA ASN G 93 4.97 8.72 -40.91
C ASN G 93 5.20 8.69 -39.40
N MET G 94 5.87 9.70 -38.87
CA MET G 94 6.08 9.77 -37.42
C MET G 94 4.77 10.03 -36.69
N ASN G 95 4.55 9.26 -35.63
CA ASN G 95 3.48 9.46 -34.67
C ASN G 95 3.46 10.95 -34.24
N PRO G 96 2.27 11.55 -34.07
CA PRO G 96 2.17 12.99 -33.74
C PRO G 96 2.90 13.35 -32.45
N PHE G 97 2.85 12.46 -31.47
CA PHE G 97 3.52 12.66 -30.19
C PHE G 97 5.03 12.60 -30.35
N LYS G 98 5.49 11.60 -31.11
CA LYS G 98 6.90 11.49 -31.48
C LYS G 98 7.38 12.72 -32.27
N LEU G 99 6.59 13.17 -33.24
CA LEU G 99 6.92 14.36 -34.01
C LEU G 99 7.13 15.57 -33.12
N TYR G 100 6.20 15.77 -32.19
CA TYR G 100 6.25 16.92 -31.29
C TYR G 100 7.53 16.88 -30.48
N LYS G 101 7.81 15.72 -29.87
CA LYS G 101 9.01 15.57 -29.06
C LYS G 101 10.26 15.79 -29.92
N PHE G 102 10.27 15.17 -31.10
CA PHE G 102 11.37 15.25 -32.05
C PHE G 102 11.74 16.70 -32.38
N LEU G 103 10.73 17.50 -32.68
CA LEU G 103 10.90 18.91 -33.04
C LEU G 103 11.36 19.77 -31.87
N GLN G 104 10.90 19.39 -30.67
CA GLN G 104 11.26 20.07 -29.43
C GLN G 104 12.73 19.86 -29.11
N GLN G 105 13.22 18.64 -29.35
CA GLN G 105 14.56 18.21 -28.96
C GLN G 105 15.60 18.37 -30.06
N ASN G 106 15.15 18.67 -31.27
CA ASN G 106 16.07 18.92 -32.39
C ASN G 106 15.97 20.33 -32.87
N ARG G 107 16.53 21.25 -32.10
CA ARG G 107 16.66 22.62 -32.52
C ARG G 107 17.95 22.81 -33.34
N GLN G 108 18.51 21.71 -33.84
CA GLN G 108 19.80 21.75 -34.55
C GLN G 108 19.77 22.09 -36.05
N PRO G 109 20.51 23.14 -36.45
CA PRO G 109 21.21 24.06 -35.53
C PRO G 109 20.27 25.08 -34.85
N GLN G 183 27.98 28.35 -31.19
CA GLN G 183 27.57 29.28 -30.15
C GLN G 183 26.14 28.98 -29.67
N PRO G 184 25.94 28.88 -28.33
CA PRO G 184 24.74 28.42 -27.60
C PRO G 184 23.37 29.09 -27.89
N LEU G 185 23.20 29.64 -29.09
CA LEU G 185 21.87 30.07 -29.54
C LEU G 185 21.13 28.91 -30.20
N GLU G 186 19.88 28.69 -29.81
CA GLU G 186 19.05 27.58 -30.33
C GLU G 186 17.71 28.01 -30.92
N VAL G 187 17.40 27.52 -32.11
CA VAL G 187 16.14 27.85 -32.80
C VAL G 187 15.49 26.65 -33.49
N GLY G 188 14.15 26.64 -33.57
CA GLY G 188 13.44 25.51 -34.21
C GLY G 188 12.05 25.74 -34.77
N LEU G 189 11.36 24.63 -35.07
CA LEU G 189 10.01 24.65 -35.63
C LEU G 189 9.02 24.41 -34.55
N ASP G 190 8.05 25.32 -34.42
CA ASP G 190 6.99 25.17 -33.41
C ASP G 190 5.81 24.51 -34.07
N VAL G 191 5.27 23.46 -33.44
CA VAL G 191 4.06 22.87 -33.99
C VAL G 191 2.80 23.66 -33.64
N LEU G 192 1.94 23.80 -34.63
CA LEU G 192 0.73 24.55 -34.50
C LEU G 192 -0.42 23.57 -34.25
N ALA G 193 -0.42 22.46 -35.00
CA ALA G 193 -1.45 21.44 -34.92
C ALA G 193 -1.00 20.25 -35.74
N VAL G 194 -1.50 19.07 -35.41
CA VAL G 194 -1.16 17.84 -36.12
C VAL G 194 -2.42 17.03 -36.35
N TYR G 195 -2.64 16.67 -37.60
CA TYR G 195 -3.74 15.79 -37.94
C TYR G 195 -3.29 14.33 -38.12
N GLU G 196 -4.00 13.42 -37.46
CA GLU G 196 -3.91 12.00 -37.81
C GLU G 196 -5.25 11.31 -37.66
N ASP G 197 -5.58 10.47 -38.66
CA ASP G 197 -6.78 9.62 -38.66
C ASP G 197 -8.03 10.22 -37.94
N GLY G 198 -8.53 11.32 -38.48
CA GLY G 198 -9.77 11.91 -37.98
C GLY G 198 -9.63 12.90 -36.85
N ILE G 199 -8.44 13.00 -36.25
CA ILE G 199 -8.24 13.90 -35.10
C ILE G 199 -7.14 14.96 -35.30
N VAL G 200 -7.42 16.18 -34.86
CA VAL G 200 -6.42 17.23 -34.82
C VAL G 200 -5.89 17.35 -33.39
N TYR G 201 -4.58 17.22 -33.27
CA TYR G 201 -3.88 17.29 -32.00
C TYR G 201 -3.31 18.69 -31.88
N THR G 202 -3.64 19.37 -30.78
CA THR G 202 -3.09 20.70 -30.50
C THR G 202 -1.81 20.52 -29.67
N PRO G 203 -0.93 21.55 -29.66
CA PRO G 203 0.31 21.46 -28.88
C PRO G 203 0.10 21.11 -27.40
N ASP G 204 -0.98 21.59 -26.78
CA ASP G 204 -1.27 21.28 -25.37
C ASP G 204 -1.53 19.78 -25.12
N VAL G 205 -2.16 19.13 -26.08
CA VAL G 205 -2.36 17.68 -26.03
C VAL G 205 -1.03 16.93 -26.28
N LEU G 206 -0.23 17.40 -27.25
CA LEU G 206 0.98 16.71 -27.67
C LEU G 206 2.12 16.82 -26.66
N ALA G 207 2.09 17.87 -25.85
CA ALA G 207 3.16 18.15 -24.88
C ALA G 207 3.01 17.27 -23.64
N ILE G 208 3.56 16.06 -23.70
CA ILE G 208 3.43 15.04 -22.64
C ILE G 208 4.29 15.38 -21.42
N ASP G 209 3.69 15.29 -20.23
CA ASP G 209 4.46 15.40 -18.99
C ASP G 209 4.87 14.00 -18.55
N GLU G 210 6.06 13.60 -19.00
CA GLU G 210 6.54 12.24 -18.81
C GLU G 210 6.62 11.82 -17.33
N GLN G 211 7.05 12.73 -16.47
CA GLN G 211 7.14 12.42 -15.04
C GLN G 211 5.76 12.21 -14.39
N GLU G 212 4.77 12.96 -14.86
CA GLU G 212 3.38 12.79 -14.43
C GLU G 212 2.87 11.38 -14.73
N TYR G 213 3.14 10.90 -15.94
CA TYR G 213 2.77 9.53 -16.30
C TYR G 213 3.50 8.50 -15.46
N ILE G 214 4.78 8.74 -15.18
CA ILE G 214 5.58 7.83 -14.36
C ILE G 214 5.06 7.81 -12.94
N ASP G 215 4.80 8.99 -12.39
CA ASP G 215 4.21 9.12 -11.06
C ASP G 215 2.85 8.42 -10.96
N MET G 216 2.03 8.51 -12.00
CA MET G 216 0.69 7.95 -11.94
C MET G 216 0.76 6.44 -12.01
N LEU G 217 1.68 5.95 -12.83
CA LEU G 217 1.93 4.52 -12.93
C LEU G 217 2.34 3.92 -11.58
N GLN G 218 3.26 4.59 -10.89
CA GLN G 218 3.73 4.16 -9.57
C GLN G 218 2.62 4.28 -8.54
N LYS G 219 1.84 5.36 -8.61
CA LYS G 219 0.66 5.51 -7.74
C LYS G 219 -0.37 4.39 -7.93
N ALA G 220 -0.69 4.09 -9.18
CA ALA G 220 -1.62 3.00 -9.48
C ALA G 220 -1.07 1.65 -9.01
N TYR G 221 0.22 1.40 -9.22
CA TYR G 221 0.83 0.19 -8.66
C TYR G 221 0.71 0.13 -7.12
N MET G 222 1.00 1.24 -6.46
CA MET G 222 0.90 1.27 -5.01
C MET G 222 -0.53 1.09 -4.50
N HIS G 223 -1.50 1.69 -5.17
CA HIS G 223 -2.93 1.49 -4.89
C HIS G 223 -3.29 0.01 -4.92
N ALA G 224 -2.89 -0.70 -5.99
CA ALA G 224 -3.13 -2.15 -6.10
C ALA G 224 -2.42 -2.96 -5.02
N PHE G 225 -1.15 -2.63 -4.76
CA PHE G 225 -0.41 -3.27 -3.69
C PHE G 225 -1.10 -3.06 -2.33
N ASN G 226 -1.41 -1.80 -1.99
CA ASN G 226 -2.05 -1.46 -0.70
C ASN G 226 -3.42 -2.10 -0.52
N LEU G 227 -4.21 -2.10 -1.58
CA LEU G 227 -5.52 -2.73 -1.53
C LEU G 227 -5.38 -4.24 -1.26
N ALA G 228 -4.57 -4.91 -2.08
CA ALA G 228 -4.39 -6.36 -1.93
C ALA G 228 -3.88 -6.77 -0.55
N VAL G 229 -2.95 -6.00 0.00
CA VAL G 229 -2.38 -6.33 1.31
C VAL G 229 -3.44 -6.13 2.37
N ASN G 230 -4.13 -4.99 2.28
CA ASN G 230 -5.06 -4.61 3.29
C ASN G 230 -6.28 -5.55 3.38
N ILE G 231 -6.65 -6.14 2.23
CA ILE G 231 -7.75 -7.12 2.19
C ILE G 231 -7.25 -8.57 2.25
N ALA G 232 -5.92 -8.74 2.30
CA ALA G 232 -5.26 -10.04 2.37
C ALA G 232 -5.57 -10.92 1.14
N TYR G 233 -5.53 -10.29 -0.03
CA TYR G 233 -5.55 -11.01 -1.29
C TYR G 233 -4.11 -11.47 -1.59
N PRO G 234 -3.84 -12.79 -1.47
CA PRO G 234 -2.46 -13.26 -1.42
C PRO G 234 -1.91 -13.57 -2.81
N THR G 235 -0.75 -13.01 -3.12
CA THR G 235 -0.08 -13.19 -4.41
C THR G 235 1.39 -13.21 -4.05
N PRO G 236 2.27 -13.68 -4.96
CA PRO G 236 3.70 -13.57 -4.67
C PRO G 236 4.13 -12.15 -4.28
N GLU G 237 3.49 -11.14 -4.86
CA GLU G 237 3.82 -9.74 -4.57
C GLU G 237 3.40 -9.31 -3.17
N THR G 238 2.35 -9.93 -2.63
CA THR G 238 1.72 -9.44 -1.39
C THR G 238 1.78 -10.36 -0.17
N ILE G 239 2.08 -11.64 -0.36
CA ILE G 239 1.93 -12.59 0.75
C ILE G 239 2.81 -12.27 1.97
N GLU G 240 4.06 -11.86 1.75
CA GLU G 240 4.93 -11.58 2.90
C GLU G 240 4.47 -10.36 3.66
N ALA G 241 4.03 -9.33 2.92
CA ALA G 241 3.51 -8.11 3.54
C ALA G 241 2.21 -8.37 4.30
N ILE G 242 1.42 -9.31 3.80
CA ILE G 242 0.19 -9.71 4.46
C ILE G 242 0.46 -10.39 5.82
N ILE G 243 1.42 -11.32 5.81
CA ILE G 243 1.85 -12.03 7.03
C ILE G 243 2.38 -11.04 8.07
N GLN G 244 3.27 -10.15 7.63
CA GLN G 244 3.89 -9.16 8.49
C GLN G 244 2.84 -8.19 9.04
N LYS G 245 1.87 -7.80 8.20
CA LYS G 245 0.80 -6.90 8.68
C LYS G 245 -0.06 -7.56 9.77
N ALA G 246 -0.58 -8.75 9.49
CA ALA G 246 -1.34 -9.50 10.51
C ALA G 246 -0.57 -9.69 11.82
N PHE G 247 0.71 -10.08 11.70
CA PHE G 247 1.53 -10.21 12.89
C PHE G 247 1.67 -8.88 13.63
N LEU G 248 1.98 -7.81 12.90
CA LEU G 248 2.18 -6.51 13.53
C LEU G 248 0.89 -6.03 14.18
N ASN G 249 -0.24 -6.29 13.54
CA ASN G 249 -1.55 -5.97 14.11
C ASN G 249 -1.69 -6.67 15.45
N ALA G 250 -1.43 -7.98 15.48
CA ALA G 250 -1.59 -8.76 16.72
C ALA G 250 -0.60 -8.31 17.79
N LYS G 251 0.67 -8.13 17.41
CA LYS G 251 1.69 -7.70 18.36
C LYS G 251 1.35 -6.32 18.93
N THR G 252 0.98 -5.38 18.04
CA THR G 252 0.65 -4.02 18.47
C THR G 252 -0.54 -3.97 19.42
N VAL G 253 -1.60 -4.73 19.11
CA VAL G 253 -2.75 -4.82 20.01
C VAL G 253 -2.38 -5.42 21.37
N ALA G 254 -1.59 -6.50 21.35
CA ALA G 254 -1.18 -7.16 22.60
C ALA G 254 -0.31 -6.28 23.49
N ILE G 255 0.65 -5.55 22.92
CA ILE G 255 1.47 -4.60 23.68
C ILE G 255 0.63 -3.45 24.26
N GLU G 256 -0.26 -2.88 23.44
CA GLU G 256 -1.18 -1.83 23.89
C GLU G 256 -2.09 -2.29 25.04
N ALA G 257 -2.52 -3.55 24.98
CA ALA G 257 -3.32 -4.14 26.06
C ALA G 257 -2.47 -4.64 27.24
N GLY G 258 -1.15 -4.58 27.13
CA GLY G 258 -0.25 -5.11 28.18
C GLY G 258 -0.39 -6.61 28.36
N TYR G 259 -0.57 -7.34 27.27
CA TYR G 259 -0.75 -8.78 27.36
C TYR G 259 0.54 -9.52 27.08
N ILE G 260 0.92 -10.40 28.01
CA ILE G 260 2.26 -10.97 28.08
C ILE G 260 2.40 -12.17 27.16
N THR G 261 3.27 -12.04 26.16
CA THR G 261 3.66 -13.18 25.34
C THR G 261 5.15 -13.11 25.14
N LYS G 262 5.72 -14.20 24.64
CA LYS G 262 7.13 -14.21 24.26
C LYS G 262 7.45 -13.05 23.28
N GLU G 263 6.51 -12.74 22.39
CA GLU G 263 6.68 -11.74 21.35
C GLU G 263 6.47 -10.31 21.82
N THR G 264 5.81 -10.12 22.95
CA THR G 264 5.45 -8.78 23.43
C THR G 264 6.15 -8.33 24.71
N ILE G 265 6.71 -9.29 25.46
CA ILE G 265 7.32 -9.01 26.78
C ILE G 265 8.41 -7.93 26.75
N GLN G 266 9.21 -7.91 25.70
CA GLN G 266 10.31 -6.95 25.69
C GLN G 266 9.82 -5.50 25.51
N ASP G 267 8.90 -5.26 24.57
CA ASP G 267 8.32 -3.93 24.42
C ASP G 267 7.53 -3.57 25.68
N ILE G 268 6.84 -4.55 26.27
CA ILE G 268 6.11 -4.26 27.50
C ILE G 268 7.05 -3.87 28.64
N ILE G 269 8.14 -4.59 28.81
CA ILE G 269 9.05 -4.17 29.87
C ILE G 269 9.61 -2.76 29.63
N GLY G 270 9.88 -2.42 28.37
CA GLY G 270 10.30 -1.08 28.00
C GLY G 270 9.31 0.01 28.44
N ARG G 271 8.02 -0.21 28.18
CA ARG G 271 6.98 0.69 28.65
C ARG G 271 6.97 0.83 30.15
N ALA G 272 7.11 -0.30 30.84
CA ALA G 272 7.07 -0.33 32.31
C ALA G 272 8.31 0.34 32.90
N PHE G 273 9.45 0.13 32.26
CA PHE G 273 10.70 0.77 32.66
C PHE G 273 10.63 2.30 32.49
N ARG G 274 10.11 2.76 31.36
CA ARG G 274 10.00 4.20 31.12
C ARG G 274 8.99 4.86 32.08
N ALA G 275 7.91 4.15 32.40
CA ALA G 275 6.96 4.61 33.41
C ALA G 275 7.63 4.79 34.77
N MET G 276 8.50 3.85 35.12
CA MET G 276 9.28 3.93 36.35
C MET G 276 10.18 5.18 36.33
N LEU G 277 10.84 5.41 35.19
CA LEU G 277 11.76 6.54 35.01
C LEU G 277 11.01 7.86 35.15
N LEU G 278 9.91 7.99 34.42
CA LEU G 278 9.06 9.17 34.53
C LEU G 278 8.49 9.33 35.95
N LEU G 279 7.92 8.28 36.52
CA LEU G 279 7.42 8.37 37.88
C LEU G 279 8.49 8.88 38.88
N ALA G 280 9.71 8.32 38.79
CA ALA G 280 10.84 8.75 39.63
C ALA G 280 11.17 10.23 39.51
N GLN G 281 10.85 10.83 38.38
CA GLN G 281 11.02 12.27 38.18
C GLN G 281 10.19 13.15 39.12
N GLN G 282 9.21 12.55 39.81
CA GLN G 282 8.37 13.27 40.77
C GLN G 282 9.08 13.46 42.10
N LEU G 283 10.03 12.58 42.39
CA LEU G 283 10.88 12.66 43.58
C LEU G 283 11.76 13.92 43.53
N PRO G 284 12.07 14.51 44.70
CA PRO G 284 12.81 15.78 44.69
C PRO G 284 14.30 15.60 44.39
#